data_7F7E
#
_entry.id   7F7E
#
_cell.length_a   157.189
_cell.length_b   157.189
_cell.length_c   98.319
_cell.angle_alpha   90.000
_cell.angle_beta   90.000
_cell.angle_gamma   120.000
#
_symmetry.space_group_name_H-M   'H 3'
#
loop_
_entity.id
_entity.type
_entity.pdbx_description
1 polymer 'Heavy chain of A5-10 Fab'
2 polymer 'Light chain of A5-10 Fab'
3 polymer 'Spike protein S1'
4 non-polymer 2-acetamido-2-deoxy-beta-D-glucopyranose
#
loop_
_entity_poly.entity_id
_entity_poly.type
_entity_poly.pdbx_seq_one_letter_code
_entity_poly.pdbx_strand_id
1 'polypeptide(L)'
;EVQLLESGGGLVQPGGSLRLSCAASGFTFSSYAMSWVRQAPGKGLEWVSAIVGSGGSTYYADSVKGRFIISRDNSKNTLY
LQMNSLRAEDTAVYYCAKSLIYGHYDILTGAYYFDYWGQGTLVTVSSASTKGPSVFPLAPSSKSTSGGTAALGCLVKDYF
PEPVTVSWNSGALTSGVHTFPAVLQSSGLYSLSSVVTVPSSSLGTQTYICNVNHKPSNTKVDKKVEP
;
C
2 'polypeptide(L)'
;AQMTQSPSSVSASVGDRVTIPCRASQGIGNWLAWYQQKPGKAPKLLIYAASSLQSGVPSRFSGSGSGTDFTLTISSLQPE
DFATYYCQQANSFPPFGQGTRLEIKRTVAAPSVFIFPPSDEQLKSGTASVVCLLNNFYPREAKVQWKVDNALQSGNSQES
VTEQDSKDSTYSLSSTLTLSKADYEKHKVYACEVTHQGLSSPVTK
;
L
3 'polypeptide(L)'
;PTNLCPFGEVFNATRFASVYAWNRKRISNCVADYSVLYNSASFSTFKCYGVSPTKLNDLCFTNVYADSFVIRGDEVRQIA
PGQTGKIADYNYKLPDDFTGCVIAWNSNNLDSKVGGNYNYLYRLFRKSNLKPFERDISTEIYQAGSTPCNGVEGFNCYFP
LQSYGFQPTNGVGYQPYRVVVLSFELLHAPATVCGPHH
;
E
#
# COMPACT_ATOMS: atom_id res chain seq x y z
N GLU A 1 3.79 9.27 19.92
CA GLU A 1 4.15 9.31 18.51
C GLU A 1 4.75 8.00 18.00
N VAL A 2 4.01 7.33 17.10
CA VAL A 2 4.60 6.25 16.31
C VAL A 2 5.62 6.84 15.35
N GLN A 3 6.79 6.21 15.23
CA GLN A 3 7.74 6.59 14.20
C GLN A 3 8.37 5.35 13.57
N LEU A 4 8.73 5.48 12.28
CA LEU A 4 9.42 4.43 11.55
C LEU A 4 10.56 5.07 10.78
N LEU A 5 11.79 4.76 11.17
CA LEU A 5 12.97 5.43 10.62
C LEU A 5 13.73 4.45 9.74
N GLU A 6 13.88 4.78 8.47
CA GLU A 6 14.50 3.87 7.53
C GLU A 6 15.97 4.23 7.32
N SER A 7 16.78 3.22 7.04
CA SER A 7 18.19 3.42 6.72
C SER A 7 18.65 2.25 5.89
N GLY A 8 19.87 2.38 5.34
CA GLY A 8 20.51 1.33 4.59
C GLY A 8 20.43 1.47 3.09
N GLY A 9 19.69 2.47 2.57
CA GLY A 9 19.58 2.62 1.14
C GLY A 9 20.88 3.12 0.52
N GLY A 10 21.04 2.87 -0.77
CA GLY A 10 22.21 3.38 -1.44
C GLY A 10 22.38 2.77 -2.82
N LEU A 11 23.59 2.90 -3.34
CA LEU A 11 23.92 2.56 -4.69
C LEU A 11 24.71 1.26 -4.69
N VAL A 12 24.27 0.33 -5.54
CA VAL A 12 24.82 -1.01 -5.61
C VAL A 12 24.78 -1.44 -7.07
N GLN A 13 25.73 -2.28 -7.46
CA GLN A 13 25.83 -2.82 -8.81
C GLN A 13 24.88 -3.99 -9.03
N PRO A 14 24.50 -4.27 -10.29
CA PRO A 14 23.63 -5.43 -10.57
C PRO A 14 24.23 -6.72 -10.03
N GLY A 15 23.47 -7.42 -9.21
CA GLY A 15 23.95 -8.64 -8.60
C GLY A 15 24.33 -8.47 -7.15
N GLY A 16 24.54 -7.22 -6.71
CA GLY A 16 24.93 -6.91 -5.36
C GLY A 16 23.91 -7.29 -4.30
N SER A 17 24.19 -6.84 -3.08
CA SER A 17 23.36 -7.03 -1.90
C SER A 17 23.22 -5.71 -1.16
N LEU A 18 22.05 -5.50 -0.60
CA LEU A 18 21.79 -4.38 0.30
C LEU A 18 20.90 -4.87 1.44
N ARG A 19 21.03 -4.25 2.62
CA ARG A 19 20.17 -4.58 3.74
C ARG A 19 19.44 -3.32 4.18
N LEU A 20 18.12 -3.35 4.17
CA LEU A 20 17.40 -2.17 4.62
C LEU A 20 16.96 -2.34 6.07
N SER A 21 16.75 -1.21 6.74
CA SER A 21 16.39 -1.25 8.14
C SER A 21 15.30 -0.24 8.41
N CYS A 22 14.37 -0.63 9.28
CA CYS A 22 13.23 0.21 9.62
C CYS A 22 13.08 0.13 11.14
N ALA A 23 13.70 1.09 11.83
CA ALA A 23 13.61 1.20 13.29
C ALA A 23 12.25 1.74 13.70
N ALA A 24 11.57 1.02 14.59
CA ALA A 24 10.21 1.31 14.99
C ALA A 24 10.16 1.81 16.43
N SER A 25 9.23 2.72 16.71
CA SER A 25 9.06 3.24 18.06
C SER A 25 7.67 3.80 18.21
N GLY A 26 7.24 3.96 19.46
CA GLY A 26 5.90 4.46 19.74
C GLY A 26 4.82 3.41 19.78
N PHE A 27 5.15 2.14 19.66
CA PHE A 27 4.12 1.11 19.79
C PHE A 27 4.77 -0.22 20.08
N THR A 28 3.92 -1.18 20.46
CA THR A 28 4.35 -2.55 20.67
C THR A 28 4.61 -3.20 19.33
N PHE A 29 5.85 -3.12 18.88
CA PHE A 29 6.25 -3.57 17.56
C PHE A 29 5.85 -5.02 17.30
N SER A 30 6.23 -5.92 18.22
CA SER A 30 6.01 -7.35 18.04
C SER A 30 4.56 -7.71 17.85
N SER A 31 3.62 -6.80 18.08
CA SER A 31 2.23 -7.18 17.88
C SER A 31 1.70 -6.83 16.49
N TYR A 32 2.47 -6.14 15.67
CA TYR A 32 1.94 -5.65 14.41
C TYR A 32 2.66 -6.33 13.27
N ALA A 33 1.88 -6.73 12.28
CA ALA A 33 2.44 -7.01 10.97
C ALA A 33 3.10 -5.74 10.43
N MET A 34 4.13 -5.94 9.60
CA MET A 34 4.88 -4.87 8.95
C MET A 34 5.13 -5.27 7.50
N SER A 35 5.35 -4.26 6.66
CA SER A 35 5.59 -4.54 5.26
C SER A 35 6.56 -3.52 4.67
N TRP A 36 7.18 -3.92 3.56
CA TRP A 36 8.01 -3.07 2.73
C TRP A 36 7.28 -2.77 1.42
N VAL A 37 7.15 -1.49 1.08
CA VAL A 37 6.50 -1.03 -0.15
C VAL A 37 7.53 -0.19 -0.89
N ARG A 38 7.46 -0.18 -2.22
CA ARG A 38 8.46 0.58 -2.94
C ARG A 38 7.84 1.29 -4.14
N GLN A 39 8.59 2.23 -4.71
CA GLN A 39 8.10 2.98 -5.86
C GLN A 39 9.25 3.31 -6.82
N ALA A 40 9.33 2.55 -7.91
CA ALA A 40 10.34 2.80 -8.91
C ALA A 40 9.97 4.08 -9.68
N PRO A 41 10.96 4.80 -10.19
CA PRO A 41 10.66 6.05 -10.90
C PRO A 41 9.72 5.80 -12.06
N GLY A 42 8.64 6.57 -12.12
CA GLY A 42 7.70 6.43 -13.22
C GLY A 42 6.83 5.19 -13.16
N LYS A 43 6.76 4.52 -12.03
CA LYS A 43 5.83 3.43 -11.80
C LYS A 43 5.08 3.71 -10.51
N GLY A 44 4.13 2.81 -10.17
CA GLY A 44 3.30 2.99 -9.00
C GLY A 44 3.75 2.10 -7.87
N LEU A 45 3.23 2.38 -6.68
CA LEU A 45 3.63 1.61 -5.51
C LEU A 45 3.41 0.12 -5.75
N GLU A 46 4.24 -0.71 -5.11
CA GLU A 46 4.02 -2.14 -5.11
C GLU A 46 4.48 -2.67 -3.78
N TRP A 47 3.77 -3.68 -3.24
CA TRP A 47 4.19 -4.32 -2.00
C TRP A 47 5.41 -5.17 -2.30
N VAL A 48 6.53 -4.88 -1.66
CA VAL A 48 7.65 -5.78 -1.79
C VAL A 48 7.44 -7.01 -0.94
N SER A 49 7.19 -6.83 0.36
CA SER A 49 7.06 -8.01 1.20
C SER A 49 6.43 -7.62 2.55
N ALA A 50 6.05 -8.64 3.34
CA ALA A 50 5.35 -8.38 4.61
C ALA A 50 5.52 -9.58 5.53
N ILE A 51 5.19 -9.38 6.81
CA ILE A 51 5.54 -10.33 7.87
C ILE A 51 4.63 -10.02 9.04
N VAL A 52 4.12 -11.07 9.70
CA VAL A 52 3.21 -10.86 10.85
C VAL A 52 4.03 -10.50 12.08
N GLY A 53 3.35 -10.07 13.16
CA GLY A 53 4.06 -9.59 14.33
C GLY A 53 5.13 -10.56 14.82
N SER A 54 4.77 -11.82 14.97
CA SER A 54 5.71 -12.83 15.46
C SER A 54 6.88 -13.12 14.50
N GLY A 55 6.82 -12.74 13.23
CA GLY A 55 7.83 -13.16 12.29
C GLY A 55 7.58 -14.52 11.64
N GLY A 56 6.52 -15.25 12.04
CA GLY A 56 6.33 -16.63 11.65
C GLY A 56 5.67 -16.87 10.31
N SER A 57 5.26 -15.81 9.61
CA SER A 57 4.63 -15.95 8.32
C SER A 57 4.97 -14.70 7.55
N THR A 58 5.44 -14.87 6.32
CA THR A 58 5.94 -13.78 5.51
C THR A 58 5.41 -13.88 4.09
N TYR A 59 5.34 -12.73 3.41
CA TYR A 59 4.86 -12.65 2.04
C TYR A 59 5.93 -11.99 1.19
N TYR A 60 6.06 -12.41 -0.08
CA TYR A 60 6.97 -11.78 -1.03
C TYR A 60 6.25 -11.48 -2.34
N ALA A 61 6.58 -10.35 -2.93
CA ALA A 61 6.09 -10.11 -4.28
C ALA A 61 6.77 -11.07 -5.24
N ASP A 62 6.04 -11.47 -6.28
CA ASP A 62 6.58 -12.44 -7.23
C ASP A 62 7.92 -12.00 -7.78
N SER A 63 8.05 -10.72 -8.15
CA SER A 63 9.29 -10.25 -8.76
C SER A 63 10.48 -10.39 -7.84
N VAL A 64 10.32 -10.68 -6.55
CA VAL A 64 11.45 -10.74 -5.63
C VAL A 64 11.52 -12.04 -4.84
N LYS A 65 10.63 -13.01 -5.06
CA LYS A 65 10.79 -14.31 -4.41
C LYS A 65 12.17 -14.90 -4.69
N GLY A 66 12.74 -15.52 -3.68
CA GLY A 66 14.06 -16.11 -3.78
C GLY A 66 15.20 -15.13 -3.66
N ARG A 67 14.94 -13.81 -3.76
CA ARG A 67 16.02 -12.83 -3.77
C ARG A 67 16.04 -11.90 -2.58
N PHE A 68 14.88 -11.64 -1.98
CA PHE A 68 14.74 -10.78 -0.82
C PHE A 68 14.31 -11.62 0.37
N ILE A 69 14.80 -11.29 1.55
CA ILE A 69 14.26 -11.87 2.77
C ILE A 69 13.90 -10.74 3.73
N ILE A 70 12.71 -10.86 4.31
CA ILE A 70 12.19 -9.92 5.28
C ILE A 70 12.32 -10.56 6.65
N SER A 71 12.62 -9.75 7.67
CA SER A 71 12.75 -10.30 8.99
C SER A 71 12.62 -9.15 9.98
N ARG A 72 12.54 -9.51 11.25
CA ARG A 72 12.38 -8.51 12.28
C ARG A 72 13.15 -8.97 13.50
N ASP A 73 13.66 -8.02 14.27
CA ASP A 73 14.13 -8.28 15.61
C ASP A 73 13.14 -7.58 16.52
N ASN A 74 12.30 -8.36 17.19
CA ASN A 74 11.32 -7.75 18.06
C ASN A 74 11.99 -7.18 19.32
N SER A 75 13.14 -7.73 19.72
CA SER A 75 13.94 -7.13 20.82
C SER A 75 14.31 -5.69 20.51
N LYS A 76 14.73 -5.41 19.27
CA LYS A 76 15.26 -4.11 18.92
C LYS A 76 14.26 -3.24 18.21
N ASN A 77 13.00 -3.65 18.17
CA ASN A 77 11.94 -2.97 17.43
C ASN A 77 12.41 -2.55 16.03
N THR A 78 13.01 -3.51 15.30
CA THR A 78 13.55 -3.24 13.97
C THR A 78 13.05 -4.28 12.97
N LEU A 79 12.63 -3.80 11.80
CA LEU A 79 12.32 -4.59 10.61
C LEU A 79 13.46 -4.50 9.59
N TYR A 80 13.72 -5.58 8.87
CA TYR A 80 14.79 -5.62 7.89
C TYR A 80 14.26 -6.07 6.53
N LEU A 81 15.07 -5.83 5.51
CA LEU A 81 14.86 -6.37 4.16
C LEU A 81 16.27 -6.65 3.63
N GLN A 82 16.66 -7.92 3.68
CA GLN A 82 17.89 -8.36 3.05
C GLN A 82 17.59 -8.51 1.57
N MET A 83 18.32 -7.78 0.74
CA MET A 83 18.13 -7.79 -0.70
C MET A 83 19.36 -8.40 -1.37
N ASN A 84 19.17 -9.45 -2.17
CA ASN A 84 20.25 -10.06 -2.92
C ASN A 84 19.92 -10.03 -4.40
N SER A 85 20.97 -10.25 -5.21
CA SER A 85 20.84 -10.40 -6.64
C SER A 85 20.07 -9.23 -7.25
N LEU A 86 20.37 -8.03 -6.79
CA LEU A 86 19.57 -6.90 -7.22
C LEU A 86 19.69 -6.71 -8.73
N ARG A 87 18.59 -6.22 -9.29
CA ARG A 87 18.47 -5.92 -10.70
C ARG A 87 18.20 -4.44 -10.87
N ALA A 88 18.45 -3.94 -12.08
CA ALA A 88 18.24 -2.53 -12.34
C ALA A 88 16.88 -2.09 -11.86
N GLU A 89 15.84 -2.86 -12.21
CA GLU A 89 14.47 -2.47 -11.93
C GLU A 89 14.13 -2.51 -10.45
N ASP A 90 14.97 -3.12 -9.59
CA ASP A 90 14.80 -2.96 -8.15
C ASP A 90 15.08 -1.54 -7.68
N THR A 91 15.62 -0.70 -8.55
CA THR A 91 15.83 0.70 -8.19
C THR A 91 14.50 1.34 -7.82
N ALA A 92 14.42 1.86 -6.60
CA ALA A 92 13.19 2.52 -6.14
C ALA A 92 13.44 3.18 -4.80
N VAL A 93 12.40 3.89 -4.33
CA VAL A 93 12.29 4.32 -2.95
C VAL A 93 11.56 3.23 -2.19
N TYR A 94 12.12 2.80 -1.07
CA TYR A 94 11.55 1.73 -0.28
C TYR A 94 10.99 2.35 0.99
N TYR A 95 9.70 2.14 1.25
CA TYR A 95 9.08 2.54 2.50
C TYR A 95 8.85 1.29 3.33
N CYS A 96 8.80 1.46 4.65
CA CYS A 96 8.24 0.44 5.53
C CYS A 96 6.96 0.98 6.13
N ALA A 97 6.10 0.06 6.55
CA ALA A 97 4.76 0.46 6.97
C ALA A 97 4.27 -0.48 8.06
N LYS A 98 3.35 0.02 8.88
CA LYS A 98 2.82 -0.71 10.02
C LYS A 98 1.34 -1.05 9.80
N SER A 99 0.94 -2.24 10.19
CA SER A 99 -0.48 -2.61 10.06
C SER A 99 -1.31 -1.88 11.12
N LEU A 100 -2.43 -1.30 10.69
CA LEU A 100 -3.38 -0.68 11.61
C LEU A 100 -3.80 -1.66 12.70
N ILE A 101 -4.41 -2.78 12.29
CA ILE A 101 -4.89 -3.80 13.22
C ILE A 101 -3.71 -4.60 13.75
N TYR A 102 -3.85 -5.12 14.96
CA TYR A 102 -2.83 -5.95 15.59
C TYR A 102 -3.32 -7.39 15.64
N GLY A 103 -2.35 -8.31 15.70
CA GLY A 103 -2.60 -9.69 16.04
C GLY A 103 -2.65 -10.69 14.90
N HIS A 104 -2.32 -10.31 13.68
CA HIS A 104 -2.32 -11.31 12.61
C HIS A 104 -1.30 -12.41 12.89
N TYR A 105 -1.65 -13.63 12.52
CA TYR A 105 -0.75 -14.76 12.65
C TYR A 105 -0.29 -15.30 11.31
N ASP A 106 -1.11 -15.15 10.27
CA ASP A 106 -0.83 -15.59 8.90
C ASP A 106 -0.92 -14.40 7.97
N ILE A 107 0.03 -14.27 7.05
CA ILE A 107 0.16 -13.00 6.34
C ILE A 107 -0.92 -12.81 5.28
N LEU A 108 -1.54 -13.91 4.83
CA LEU A 108 -2.65 -13.82 3.90
C LEU A 108 -4.00 -13.85 4.60
N THR A 109 -4.03 -13.90 5.94
CA THR A 109 -5.28 -14.03 6.69
C THR A 109 -5.52 -12.77 7.52
N GLY A 110 -6.62 -12.09 7.22
CA GLY A 110 -7.05 -10.92 7.94
C GLY A 110 -7.09 -9.70 7.04
N ALA A 111 -7.41 -8.56 7.65
CA ALA A 111 -7.51 -7.29 6.94
C ALA A 111 -6.25 -6.48 7.22
N TYR A 112 -5.69 -5.89 6.17
CA TYR A 112 -4.35 -5.29 6.18
C TYR A 112 -4.44 -3.86 5.69
N TYR A 113 -4.45 -2.94 6.64
CA TYR A 113 -4.39 -1.51 6.36
C TYR A 113 -3.13 -1.01 7.03
N PHE A 114 -2.54 0.02 6.46
CA PHE A 114 -1.23 0.46 6.97
C PHE A 114 -1.34 1.92 7.37
N ASP A 115 -1.30 2.17 8.66
CA ASP A 115 -1.53 3.51 9.20
C ASP A 115 -0.27 4.34 9.18
N TYR A 116 0.82 3.83 9.75
CA TYR A 116 2.07 4.58 9.76
C TYR A 116 3.07 4.11 8.70
N TRP A 117 3.78 5.07 8.13
CA TRP A 117 4.69 4.84 7.03
C TRP A 117 6.00 5.56 7.31
N GLY A 118 7.12 4.90 7.00
CA GLY A 118 8.40 5.55 7.11
C GLY A 118 8.59 6.55 6.00
N GLN A 119 9.75 7.21 6.00
CA GLN A 119 10.07 8.24 5.02
C GLN A 119 10.68 7.68 3.74
N GLY A 120 11.31 6.52 3.81
CA GLY A 120 11.79 5.92 2.60
C GLY A 120 13.27 6.12 2.40
N THR A 121 13.99 5.07 1.98
CA THR A 121 15.34 5.16 1.45
C THR A 121 15.31 4.93 -0.05
N LEU A 122 16.29 5.49 -0.74
CA LEU A 122 16.42 5.31 -2.18
C LEU A 122 17.40 4.18 -2.41
N VAL A 123 17.05 3.26 -3.29
CA VAL A 123 17.93 2.16 -3.67
C VAL A 123 18.20 2.27 -5.15
N THR A 124 19.48 2.24 -5.50
CA THR A 124 19.90 2.48 -6.87
C THR A 124 20.74 1.29 -7.26
N VAL A 125 20.30 0.57 -8.28
CA VAL A 125 21.00 -0.59 -8.79
C VAL A 125 21.50 -0.18 -10.15
N SER A 126 22.82 -0.06 -10.28
CA SER A 126 23.41 0.45 -11.50
C SER A 126 24.89 0.17 -11.46
N SER A 127 25.49 0.04 -12.63
CA SER A 127 26.94 -0.05 -12.74
C SER A 127 27.50 1.17 -13.46
N ALA A 128 26.82 2.30 -13.36
CA ALA A 128 27.31 3.55 -13.90
C ALA A 128 28.25 4.22 -12.90
N SER A 129 29.37 4.72 -13.40
CA SER A 129 30.30 5.47 -12.56
C SER A 129 29.81 6.89 -12.39
N THR A 130 30.17 7.50 -11.25
CA THR A 130 29.87 8.92 -11.03
C THR A 130 30.41 9.75 -12.19
N LYS A 131 29.58 10.63 -12.73
CA LYS A 131 29.93 11.36 -13.94
C LYS A 131 29.11 12.64 -14.01
N GLY A 132 29.75 13.72 -14.49
CA GLY A 132 29.08 14.99 -14.66
C GLY A 132 28.44 15.15 -16.02
N PRO A 133 27.43 16.02 -16.09
CA PRO A 133 26.63 16.15 -17.31
C PRO A 133 27.33 16.96 -18.39
N SER A 134 26.69 17.01 -19.55
CA SER A 134 27.03 17.90 -20.64
C SER A 134 25.82 18.75 -20.99
N VAL A 135 26.05 20.02 -21.34
CA VAL A 135 24.99 21.00 -21.54
C VAL A 135 24.97 21.41 -23.01
N PHE A 136 23.80 21.30 -23.64
CA PHE A 136 23.60 21.70 -25.01
C PHE A 136 22.45 22.69 -25.10
N PRO A 137 22.52 23.64 -26.03
CA PRO A 137 21.42 24.61 -26.18
C PRO A 137 20.20 23.99 -26.84
N LEU A 138 19.08 24.72 -26.73
CA LEU A 138 17.82 24.25 -27.29
C LEU A 138 17.34 25.15 -28.41
N ALA A 139 18.25 25.52 -29.31
CA ALA A 139 18.00 26.18 -30.58
C ALA A 139 17.11 27.43 -30.45
N PRO A 140 17.63 28.55 -29.91
CA PRO A 140 16.90 29.82 -29.92
C PRO A 140 16.98 30.56 -31.25
N SER A 141 16.65 29.86 -32.33
CA SER A 141 16.61 30.47 -33.65
C SER A 141 15.36 31.34 -33.78
N SER A 142 15.47 32.38 -34.61
CA SER A 142 14.40 33.37 -34.73
C SER A 142 13.30 32.95 -35.70
N LYS A 143 13.40 31.77 -36.30
CA LYS A 143 12.33 31.29 -37.19
C LYS A 143 11.11 30.87 -36.38
N SER A 144 9.93 31.22 -36.90
CA SER A 144 8.61 30.84 -36.40
C SER A 144 8.21 31.54 -35.10
N THR A 145 8.96 32.53 -34.63
CA THR A 145 8.64 33.22 -33.38
C THR A 145 8.84 34.73 -33.53
N SER A 146 8.29 35.32 -34.58
CA SER A 146 8.34 36.77 -34.75
C SER A 146 7.35 37.51 -33.84
N GLY A 147 6.76 36.82 -32.85
CA GLY A 147 5.85 37.42 -31.91
C GLY A 147 6.38 37.42 -30.49
N GLY A 148 5.46 37.62 -29.53
CA GLY A 148 5.81 37.77 -28.15
C GLY A 148 6.09 36.50 -27.38
N THR A 149 6.02 35.33 -28.03
CA THR A 149 6.28 34.05 -27.38
C THR A 149 7.44 33.37 -28.10
N ALA A 150 8.49 33.04 -27.33
CA ALA A 150 9.67 32.35 -27.85
C ALA A 150 10.16 31.34 -26.83
N ALA A 151 10.66 30.19 -27.31
CA ALA A 151 11.10 29.10 -26.47
C ALA A 151 12.57 28.79 -26.75
N LEU A 152 13.35 28.63 -25.69
CA LEU A 152 14.78 28.30 -25.78
C LEU A 152 15.09 27.34 -24.64
N GLY A 153 16.37 27.14 -24.35
CA GLY A 153 16.73 26.45 -23.14
C GLY A 153 18.08 25.74 -23.26
N CYS A 154 18.30 24.85 -22.29
CA CYS A 154 19.50 24.04 -22.19
C CYS A 154 19.09 22.57 -22.12
N LEU A 155 20.07 21.69 -22.00
CA LEU A 155 19.82 20.25 -22.10
C LEU A 155 20.90 19.52 -21.30
N VAL A 156 20.55 19.07 -20.10
CA VAL A 156 21.50 18.44 -19.18
C VAL A 156 21.53 16.95 -19.53
N LYS A 157 22.51 16.54 -20.34
CA LYS A 157 22.54 15.20 -20.92
C LYS A 157 23.69 14.36 -20.36
N ASP A 158 23.42 13.07 -20.16
CA ASP A 158 24.41 12.05 -19.81
C ASP A 158 25.10 12.27 -18.47
N TYR A 159 24.35 12.30 -17.37
CA TYR A 159 24.95 12.36 -16.05
C TYR A 159 24.52 11.16 -15.20
N PHE A 160 25.30 10.89 -14.16
CA PHE A 160 24.96 9.92 -13.12
C PHE A 160 25.79 10.23 -11.88
N PRO A 161 25.21 10.17 -10.67
CA PRO A 161 23.79 9.87 -10.48
C PRO A 161 22.99 11.15 -10.43
N GLU A 162 21.69 11.03 -10.18
CA GLU A 162 20.89 12.18 -9.83
C GLU A 162 21.35 12.71 -8.46
N PRO A 163 21.08 13.98 -8.15
CA PRO A 163 20.32 15.00 -8.88
C PRO A 163 21.14 16.00 -9.70
N VAL A 164 20.39 16.81 -10.43
CA VAL A 164 20.92 17.93 -11.19
C VAL A 164 20.09 19.15 -10.83
N THR A 165 20.76 20.26 -10.53
CA THR A 165 20.10 21.52 -10.17
C THR A 165 20.33 22.53 -11.28
N VAL A 166 19.26 23.16 -11.75
CA VAL A 166 19.32 24.14 -12.81
C VAL A 166 18.80 25.47 -12.27
N SER A 167 19.56 26.53 -12.49
CA SER A 167 19.15 27.91 -12.25
C SER A 167 19.32 28.68 -13.55
N TRP A 168 18.59 29.80 -13.66
CA TRP A 168 18.79 30.74 -14.75
C TRP A 168 19.11 32.10 -14.15
N ASN A 169 20.35 32.55 -14.32
CA ASN A 169 20.82 33.82 -13.77
C ASN A 169 20.73 33.84 -12.24
N SER A 170 21.12 32.73 -11.62
CA SER A 170 21.28 32.62 -10.17
C SER A 170 19.96 32.86 -9.43
N GLY A 171 18.86 32.34 -9.97
CA GLY A 171 17.55 32.50 -9.35
C GLY A 171 16.82 33.78 -9.66
N ALA A 172 17.31 34.58 -10.62
CA ALA A 172 16.69 35.84 -10.98
C ALA A 172 15.61 35.71 -12.05
N LEU A 173 15.58 34.61 -12.79
CA LEU A 173 14.56 34.34 -13.80
C LEU A 173 13.70 33.18 -13.29
N THR A 174 12.66 33.52 -12.52
CA THR A 174 11.79 32.53 -11.89
C THR A 174 10.53 32.25 -12.69
N SER A 175 9.89 33.27 -13.24
CA SER A 175 8.63 33.08 -13.95
C SER A 175 8.89 32.53 -15.34
N GLY A 176 8.09 31.53 -15.73
CA GLY A 176 8.11 30.97 -17.06
C GLY A 176 9.03 29.78 -17.24
N VAL A 177 9.84 29.43 -16.25
CA VAL A 177 10.86 28.38 -16.40
C VAL A 177 10.30 27.06 -15.90
N HIS A 178 10.47 26.02 -16.71
CA HIS A 178 10.05 24.66 -16.37
C HIS A 178 11.26 23.73 -16.51
N THR A 179 11.80 23.28 -15.38
CA THR A 179 12.80 22.23 -15.39
C THR A 179 12.08 20.89 -15.39
N PHE A 180 12.27 20.11 -16.45
CA PHE A 180 11.59 18.84 -16.58
C PHE A 180 12.14 17.82 -15.59
N PRO A 181 11.39 16.77 -15.31
CA PRO A 181 11.96 15.61 -14.62
C PRO A 181 12.89 14.85 -15.54
N ALA A 182 13.98 14.34 -14.99
CA ALA A 182 14.97 13.60 -15.78
C ALA A 182 14.37 12.28 -16.27
N VAL A 183 15.13 11.60 -17.13
CA VAL A 183 14.74 10.28 -17.57
C VAL A 183 16.00 9.41 -17.59
N LEU A 184 15.80 8.10 -17.48
CA LEU A 184 16.91 7.16 -17.47
C LEU A 184 17.01 6.59 -18.88
N GLN A 185 18.03 7.05 -19.61
CA GLN A 185 18.28 6.56 -20.95
C GLN A 185 18.70 5.09 -20.90
N SER A 186 18.79 4.47 -22.06
CA SER A 186 19.24 3.08 -22.13
C SER A 186 20.73 2.94 -21.86
N SER A 187 21.51 4.01 -22.00
CA SER A 187 22.91 4.00 -21.65
C SER A 187 23.14 3.90 -20.15
N GLY A 188 22.08 4.03 -19.34
CA GLY A 188 22.22 4.11 -17.90
C GLY A 188 22.52 5.51 -17.39
N LEU A 189 22.38 6.53 -18.23
CA LEU A 189 22.65 7.91 -17.85
C LEU A 189 21.39 8.74 -17.97
N TYR A 190 21.29 9.76 -17.10
CA TYR A 190 20.12 10.61 -17.00
C TYR A 190 20.20 11.82 -17.92
N SER A 191 19.02 12.31 -18.33
CA SER A 191 18.89 13.45 -19.21
C SER A 191 17.58 14.16 -18.90
N LEU A 192 17.60 15.48 -19.08
CA LEU A 192 16.42 16.31 -18.89
C LEU A 192 16.62 17.58 -19.71
N SER A 193 15.71 18.54 -19.56
CA SER A 193 15.86 19.81 -20.25
C SER A 193 15.25 20.90 -19.38
N SER A 194 15.76 22.12 -19.56
CA SER A 194 15.31 23.29 -18.82
C SER A 194 14.92 24.36 -19.83
N VAL A 195 13.62 24.53 -20.05
CA VAL A 195 13.08 25.39 -21.09
C VAL A 195 12.52 26.66 -20.44
N VAL A 196 12.80 27.81 -21.05
CA VAL A 196 12.30 29.09 -20.58
C VAL A 196 11.56 29.77 -21.73
N THR A 197 10.33 30.22 -21.46
CA THR A 197 9.52 30.93 -22.44
C THR A 197 9.68 32.43 -22.20
N VAL A 198 10.33 33.11 -23.13
CA VAL A 198 10.64 34.53 -22.96
C VAL A 198 10.05 35.33 -24.11
N PRO A 199 9.46 36.50 -23.84
CA PRO A 199 9.14 37.44 -24.93
C PRO A 199 10.35 37.68 -25.81
N SER A 200 10.21 37.38 -27.11
CA SER A 200 11.34 37.35 -28.02
C SER A 200 11.88 38.72 -28.36
N SER A 201 11.17 39.80 -28.04
CA SER A 201 11.57 41.11 -28.55
C SER A 201 12.96 41.50 -28.04
N SER A 202 13.07 41.84 -26.76
CA SER A 202 14.37 41.81 -26.10
C SER A 202 14.30 41.00 -24.80
N LEU A 203 13.41 41.45 -23.90
CA LEU A 203 13.37 41.07 -22.49
C LEU A 203 14.79 40.84 -21.96
N GLY A 204 15.69 41.77 -22.28
CA GLY A 204 17.08 41.60 -21.93
C GLY A 204 17.80 40.94 -23.09
N THR A 205 18.58 41.70 -23.84
CA THR A 205 19.20 41.15 -25.04
C THR A 205 20.23 40.10 -24.65
N GLN A 206 19.98 38.84 -25.04
CA GLN A 206 20.83 37.67 -24.79
C GLN A 206 21.44 37.65 -23.39
N THR A 207 20.63 37.98 -22.38
CA THR A 207 21.09 38.06 -21.00
C THR A 207 20.82 36.78 -20.21
N TYR A 208 20.87 35.61 -20.87
CA TYR A 208 20.40 34.35 -20.29
C TYR A 208 21.53 33.34 -20.26
N ILE A 209 21.81 32.80 -19.07
CA ILE A 209 22.69 31.65 -18.90
C ILE A 209 22.00 30.67 -17.96
N CYS A 210 22.12 29.37 -18.25
CA CYS A 210 21.55 28.33 -17.42
C CYS A 210 22.64 27.81 -16.49
N ASN A 211 22.35 27.83 -15.18
CA ASN A 211 23.34 27.49 -14.15
C ASN A 211 23.14 26.05 -13.71
N VAL A 212 23.63 25.13 -14.54
CA VAL A 212 23.57 23.72 -14.21
C VAL A 212 24.55 23.41 -13.09
N ASN A 213 24.17 22.49 -12.20
CA ASN A 213 24.97 22.16 -11.02
C ASN A 213 24.75 20.68 -10.71
N HIS A 214 25.82 19.88 -10.79
CA HIS A 214 25.76 18.44 -10.51
C HIS A 214 26.69 18.16 -9.33
N LYS A 215 26.12 18.18 -8.12
CA LYS A 215 26.90 17.95 -6.91
C LYS A 215 27.73 16.66 -6.94
N PRO A 216 27.19 15.49 -7.32
CA PRO A 216 28.01 14.27 -7.22
C PRO A 216 29.36 14.37 -7.92
N SER A 217 29.43 15.02 -9.08
CA SER A 217 30.66 15.10 -9.85
C SER A 217 31.36 16.45 -9.74
N ASN A 218 30.77 17.41 -9.03
CA ASN A 218 31.29 18.78 -8.95
C ASN A 218 31.40 19.39 -10.35
N THR A 219 30.24 19.54 -10.99
CA THR A 219 30.14 20.15 -12.31
C THR A 219 29.22 21.36 -12.22
N LYS A 220 29.71 22.51 -12.69
CA LYS A 220 28.93 23.74 -12.82
C LYS A 220 29.20 24.34 -14.18
N VAL A 221 28.15 24.49 -15.00
CA VAL A 221 28.28 25.09 -16.33
C VAL A 221 27.26 26.23 -16.45
N ASP A 222 27.74 27.41 -16.86
CA ASP A 222 26.90 28.57 -17.16
C ASP A 222 26.89 28.73 -18.68
N LYS A 223 25.88 28.16 -19.32
CA LYS A 223 25.80 28.18 -20.78
C LYS A 223 24.80 29.23 -21.26
N LYS A 224 25.26 30.07 -22.18
CA LYS A 224 24.47 31.16 -22.74
C LYS A 224 23.72 30.68 -23.97
N VAL A 225 22.44 31.01 -24.07
CA VAL A 225 21.57 30.48 -25.11
C VAL A 225 21.32 31.60 -26.12
N GLU A 226 22.17 31.64 -27.16
CA GLU A 226 22.22 32.59 -28.27
C GLU A 226 21.82 31.90 -29.57
N PRO A 227 21.09 32.58 -30.47
CA PRO A 227 20.76 32.02 -31.78
C PRO A 227 21.99 31.59 -32.59
N ALA B 1 -0.69 -8.80 -9.95
CA ALA B 1 -2.00 -8.51 -10.57
C ALA B 1 -2.89 -7.64 -9.66
N GLN B 2 -3.37 -6.51 -10.20
CA GLN B 2 -4.14 -5.54 -9.45
C GLN B 2 -5.59 -6.00 -9.25
N MET B 3 -6.20 -5.52 -8.16
CA MET B 3 -7.51 -5.97 -7.76
C MET B 3 -8.58 -4.90 -7.82
N THR B 4 -8.21 -3.67 -8.14
CA THR B 4 -9.13 -2.56 -8.02
C THR B 4 -8.92 -1.64 -9.21
N GLN B 5 -9.94 -0.85 -9.51
CA GLN B 5 -9.87 0.02 -10.68
C GLN B 5 -10.58 1.32 -10.38
N SER B 6 -9.88 2.43 -10.59
CA SER B 6 -10.48 3.75 -10.48
C SER B 6 -10.00 4.57 -11.67
N PRO B 7 -10.72 5.64 -12.02
CA PRO B 7 -10.35 6.41 -13.22
C PRO B 7 -8.98 7.07 -13.06
N SER B 8 -8.32 7.28 -14.20
CA SER B 8 -6.96 7.81 -14.19
C SER B 8 -6.91 9.22 -13.62
N SER B 9 -7.88 10.06 -13.95
CA SER B 9 -7.87 11.46 -13.52
C SER B 9 -9.27 11.94 -13.18
N VAL B 10 -9.35 12.84 -12.21
CA VAL B 10 -10.55 13.61 -11.92
C VAL B 10 -10.14 15.06 -11.74
N SER B 11 -10.94 15.98 -12.30
CA SER B 11 -10.63 17.40 -12.37
C SER B 11 -11.61 18.18 -11.50
N ALA B 12 -11.08 19.05 -10.63
CA ALA B 12 -11.91 19.71 -9.63
C ALA B 12 -11.30 21.05 -9.22
N SER B 13 -12.14 21.89 -8.61
CA SER B 13 -11.74 23.19 -8.13
C SER B 13 -11.98 23.28 -6.62
N VAL B 14 -11.15 24.08 -5.95
CA VAL B 14 -11.27 24.24 -4.51
C VAL B 14 -12.72 24.54 -4.14
N GLY B 15 -13.18 23.95 -3.04
CA GLY B 15 -14.57 24.12 -2.65
C GLY B 15 -15.44 22.97 -3.11
N ASP B 16 -15.18 22.45 -4.31
CA ASP B 16 -16.02 21.43 -4.93
C ASP B 16 -16.27 20.22 -4.04
N ARG B 17 -17.33 19.48 -4.34
CA ARG B 17 -17.57 18.18 -3.74
C ARG B 17 -17.18 17.13 -4.77
N VAL B 18 -16.15 16.35 -4.44
CA VAL B 18 -15.51 15.45 -5.37
C VAL B 18 -15.80 14.03 -4.94
N THR B 19 -16.12 13.16 -5.91
CA THR B 19 -16.25 11.73 -5.67
C THR B 19 -15.31 10.97 -6.59
N ILE B 20 -14.70 9.92 -6.07
CA ILE B 20 -13.87 9.04 -6.87
C ILE B 20 -14.50 7.65 -6.85
N PRO B 21 -14.93 7.12 -7.98
CA PRO B 21 -15.46 5.76 -8.00
C PRO B 21 -14.36 4.73 -8.02
N CYS B 22 -14.67 3.55 -7.48
CA CYS B 22 -13.75 2.44 -7.42
C CYS B 22 -14.53 1.14 -7.61
N ARG B 23 -14.11 0.32 -8.57
CA ARG B 23 -14.71 -0.99 -8.76
C ARG B 23 -13.69 -2.04 -8.34
N ALA B 24 -14.09 -2.89 -7.43
CA ALA B 24 -13.24 -3.92 -6.86
C ALA B 24 -13.56 -5.25 -7.52
N SER B 25 -12.62 -6.18 -7.40
CA SER B 25 -12.95 -7.56 -7.70
C SER B 25 -13.99 -8.06 -6.71
N GLN B 26 -14.89 -8.93 -7.18
CA GLN B 26 -15.87 -9.49 -6.28
C GLN B 26 -15.17 -10.15 -5.11
N GLY B 27 -15.92 -10.36 -4.04
CA GLY B 27 -15.39 -11.17 -2.96
C GLY B 27 -14.44 -10.45 -2.06
N ILE B 28 -14.43 -9.11 -2.14
CA ILE B 28 -13.70 -8.26 -1.22
C ILE B 28 -14.60 -7.85 -0.07
N GLY B 29 -15.87 -7.67 -0.32
CA GLY B 29 -16.78 -7.38 0.76
C GLY B 29 -16.53 -6.01 1.32
N ASN B 30 -15.97 -6.01 2.50
CA ASN B 30 -15.75 -4.81 3.30
C ASN B 30 -14.34 -4.25 3.20
N TRP B 31 -13.38 -5.07 2.77
CA TRP B 31 -11.97 -4.85 3.04
C TRP B 31 -11.36 -3.97 1.97
N LEU B 32 -11.72 -2.69 2.02
CA LEU B 32 -11.30 -1.70 1.04
C LEU B 32 -10.74 -0.48 1.74
N ALA B 33 -9.54 -0.08 1.37
CA ALA B 33 -8.83 1.05 1.93
C ALA B 33 -8.68 2.16 0.89
N TRP B 34 -8.71 3.41 1.34
CA TRP B 34 -8.29 4.51 0.50
C TRP B 34 -6.99 5.12 1.03
N TYR B 35 -6.06 5.39 0.10
CA TYR B 35 -4.72 5.92 0.38
C TYR B 35 -4.51 7.16 -0.46
N GLN B 36 -3.87 8.16 0.14
CA GLN B 36 -3.49 9.39 -0.53
C GLN B 36 -1.98 9.42 -0.69
N GLN B 37 -1.51 9.88 -1.85
CA GLN B 37 -0.07 10.04 -2.05
C GLN B 37 0.20 11.38 -2.68
N LYS B 38 1.08 12.17 -2.04
CA LYS B 38 1.66 13.27 -2.78
C LYS B 38 2.94 12.78 -3.46
N PRO B 39 3.35 13.38 -4.58
CA PRO B 39 4.47 12.79 -5.34
C PRO B 39 5.72 12.69 -4.48
N GLY B 40 6.45 11.57 -4.66
CA GLY B 40 7.69 11.30 -3.96
C GLY B 40 7.54 10.93 -2.48
N LYS B 41 6.37 11.19 -1.88
CA LYS B 41 6.12 11.02 -0.46
C LYS B 41 5.38 9.72 -0.16
N ALA B 42 5.45 9.30 1.11
CA ALA B 42 4.79 8.06 1.47
C ALA B 42 3.28 8.22 1.43
N PRO B 43 2.57 7.16 1.06
CA PRO B 43 1.11 7.25 0.99
C PRO B 43 0.52 7.34 2.38
N LYS B 44 -0.73 7.82 2.45
CA LYS B 44 -1.39 7.99 3.72
C LYS B 44 -2.73 7.27 3.74
N LEU B 45 -2.97 6.50 4.81
CA LEU B 45 -4.25 5.85 5.02
C LEU B 45 -5.31 6.90 5.34
N LEU B 46 -6.33 7.02 4.49
CA LEU B 46 -7.43 7.93 4.70
C LEU B 46 -8.64 7.21 5.27
N ILE B 47 -9.03 6.10 4.62
CA ILE B 47 -10.22 5.38 5.02
C ILE B 47 -9.95 3.88 5.02
N TYR B 48 -10.47 3.20 6.03
CA TYR B 48 -10.34 1.76 6.12
C TYR B 48 -11.69 1.13 6.35
N ALA B 49 -11.77 -0.19 6.07
CA ALA B 49 -13.03 -0.94 6.14
C ALA B 49 -14.11 -0.24 5.34
N ALA B 50 -13.68 0.41 4.25
CA ALA B 50 -14.50 0.98 3.19
C ALA B 50 -15.22 2.26 3.61
N SER B 51 -15.42 2.45 4.90
CA SER B 51 -16.15 3.63 5.34
C SER B 51 -15.67 4.20 6.66
N SER B 52 -14.59 3.71 7.26
CA SER B 52 -14.15 4.18 8.56
C SER B 52 -13.10 5.27 8.37
N LEU B 53 -13.34 6.44 8.96
CA LEU B 53 -12.36 7.51 8.87
C LEU B 53 -11.17 7.16 9.75
N GLN B 54 -9.99 7.16 9.17
CA GLN B 54 -8.79 6.87 9.93
C GLN B 54 -8.50 8.01 10.90
N SER B 55 -7.87 7.67 12.04
CA SER B 55 -7.47 8.67 13.02
C SER B 55 -6.67 9.81 12.38
N GLY B 56 -6.92 11.03 12.85
CA GLY B 56 -6.15 12.17 12.41
C GLY B 56 -6.49 12.71 11.03
N VAL B 57 -7.38 12.04 10.29
CA VAL B 57 -7.73 12.42 8.92
C VAL B 57 -8.92 13.39 8.89
N PRO B 58 -8.87 14.46 8.08
CA PRO B 58 -9.95 15.45 8.07
C PRO B 58 -11.31 14.85 7.73
N SER B 59 -12.34 15.34 8.41
CA SER B 59 -13.67 14.77 8.27
C SER B 59 -14.26 14.96 6.88
N ARG B 60 -13.69 15.85 6.05
CA ARG B 60 -14.22 16.05 4.70
C ARG B 60 -14.01 14.83 3.82
N PHE B 61 -13.08 13.97 4.18
CA PHE B 61 -12.92 12.68 3.52
C PHE B 61 -13.92 11.68 4.10
N SER B 62 -14.65 10.98 3.23
CA SER B 62 -15.56 9.92 3.66
C SER B 62 -15.61 8.82 2.60
N GLY B 63 -15.86 7.60 3.04
CA GLY B 63 -15.88 6.45 2.16
C GLY B 63 -17.17 5.67 2.24
N SER B 64 -17.69 5.27 1.09
CA SER B 64 -18.93 4.50 1.04
C SER B 64 -18.83 3.44 -0.03
N GLY B 65 -19.73 2.47 0.05
CA GLY B 65 -19.89 1.49 -1.00
C GLY B 65 -20.00 0.08 -0.46
N SER B 66 -20.67 -0.77 -1.22
CA SER B 66 -20.94 -2.14 -0.83
C SER B 66 -20.61 -3.05 -2.01
N GLY B 67 -20.00 -4.19 -1.70
CA GLY B 67 -19.88 -5.24 -2.68
C GLY B 67 -18.64 -5.10 -3.55
N THR B 68 -18.82 -4.53 -4.74
CA THR B 68 -17.69 -4.24 -5.61
C THR B 68 -17.63 -2.79 -6.07
N ASP B 69 -18.60 -1.96 -5.73
CA ASP B 69 -18.58 -0.55 -6.13
C ASP B 69 -18.40 0.31 -4.89
N PHE B 70 -17.23 0.93 -4.77
CA PHE B 70 -16.89 1.80 -3.66
C PHE B 70 -16.57 3.18 -4.18
N THR B 71 -16.55 4.14 -3.28
CA THR B 71 -16.36 5.52 -3.71
C THR B 71 -15.85 6.37 -2.55
N LEU B 72 -14.85 7.19 -2.82
CA LEU B 72 -14.29 8.14 -1.87
C LEU B 72 -14.87 9.49 -2.21
N THR B 73 -15.32 10.22 -1.22
CA THR B 73 -15.88 11.53 -1.52
C THR B 73 -15.21 12.56 -0.61
N ILE B 74 -14.92 13.72 -1.19
CA ILE B 74 -14.24 14.83 -0.51
C ILE B 74 -15.22 15.97 -0.54
N SER B 75 -15.88 16.25 0.59
CA SER B 75 -16.97 17.22 0.54
C SER B 75 -16.45 18.59 0.09
N SER B 76 -15.43 19.12 0.76
CA SER B 76 -15.00 20.50 0.56
C SER B 76 -13.52 20.50 0.18
N LEU B 77 -13.25 20.47 -1.11
CA LEU B 77 -11.88 20.31 -1.58
C LEU B 77 -11.01 21.49 -1.14
N GLN B 78 -9.92 21.19 -0.42
CA GLN B 78 -8.87 22.13 -0.07
C GLN B 78 -7.71 22.04 -1.05
N PRO B 79 -6.91 23.09 -1.16
CA PRO B 79 -5.78 23.03 -2.12
C PRO B 79 -4.80 21.93 -1.81
N GLU B 80 -4.69 21.50 -0.56
CA GLU B 80 -3.74 20.46 -0.26
C GLU B 80 -4.26 19.07 -0.59
N ASP B 81 -5.49 18.97 -1.08
CA ASP B 81 -6.09 17.67 -1.38
C ASP B 81 -5.74 17.17 -2.77
N PHE B 82 -5.24 18.03 -3.64
CA PHE B 82 -4.73 17.56 -4.92
C PHE B 82 -3.57 16.60 -4.70
N ALA B 83 -3.76 15.36 -5.10
CA ALA B 83 -2.76 14.31 -4.93
C ALA B 83 -3.22 13.12 -5.77
N THR B 84 -2.60 11.97 -5.57
CA THR B 84 -3.09 10.75 -6.18
C THR B 84 -3.76 9.91 -5.11
N TYR B 85 -4.89 9.33 -5.48
CA TYR B 85 -5.71 8.52 -4.58
C TYR B 85 -5.78 7.09 -5.11
N TYR B 86 -5.63 6.13 -4.21
CA TYR B 86 -5.68 4.71 -4.54
C TYR B 86 -6.78 4.05 -3.73
N CYS B 87 -7.55 3.16 -4.35
CA CYS B 87 -8.41 2.25 -3.58
C CYS B 87 -7.74 0.90 -3.62
N GLN B 88 -7.65 0.28 -2.45
CA GLN B 88 -6.76 -0.83 -2.26
C GLN B 88 -7.52 -1.91 -1.50
N GLN B 89 -7.60 -3.10 -2.09
CA GLN B 89 -8.16 -4.26 -1.42
C GLN B 89 -7.24 -4.65 -0.28
N ALA B 90 -7.77 -4.82 0.92
CA ALA B 90 -6.91 -4.91 2.10
C ALA B 90 -6.52 -6.33 2.45
N ASN B 91 -6.33 -7.20 1.46
CA ASN B 91 -5.85 -8.56 1.68
C ASN B 91 -5.03 -8.99 0.46
N SER B 92 -4.06 -9.88 0.69
CA SER B 92 -3.09 -10.36 -0.30
C SER B 92 -2.48 -9.26 -1.16
N PHE B 93 -2.23 -8.09 -0.55
CA PHE B 93 -1.31 -7.10 -1.11
C PHE B 93 -1.41 -6.95 -2.63
N PRO B 94 -2.52 -6.42 -3.16
CA PRO B 94 -2.58 -6.14 -4.59
C PRO B 94 -1.71 -4.96 -4.94
N PRO B 95 -1.26 -4.88 -6.19
CA PRO B 95 -0.49 -3.70 -6.62
C PRO B 95 -1.38 -2.46 -6.69
N PHE B 96 -0.72 -1.31 -6.57
CA PHE B 96 -1.44 -0.05 -6.47
C PHE B 96 -1.96 0.44 -7.82
N GLY B 97 -1.17 0.27 -8.88
CA GLY B 97 -1.57 0.78 -10.18
C GLY B 97 -1.43 2.28 -10.30
N GLN B 98 -2.09 2.83 -11.31
CA GLN B 98 -1.98 4.27 -11.57
C GLN B 98 -2.79 5.12 -10.61
N GLY B 99 -3.77 4.54 -9.91
CA GLY B 99 -4.57 5.36 -9.03
C GLY B 99 -5.37 6.40 -9.81
N THR B 100 -5.91 7.35 -9.04
CA THR B 100 -6.65 8.47 -9.57
C THR B 100 -5.91 9.76 -9.24
N ARG B 101 -5.49 10.49 -10.28
CA ARG B 101 -4.89 11.81 -10.11
C ARG B 101 -5.97 12.86 -9.88
N LEU B 102 -5.92 13.55 -8.76
CA LEU B 102 -6.89 14.60 -8.48
C LEU B 102 -6.22 15.92 -8.84
N GLU B 103 -6.61 16.50 -9.98
CA GLU B 103 -5.99 17.70 -10.53
C GLU B 103 -7.00 18.84 -10.58
N ILE B 104 -6.47 20.04 -10.84
CA ILE B 104 -7.26 21.27 -10.85
C ILE B 104 -7.98 21.41 -12.18
N LYS B 105 -9.28 21.69 -12.13
CA LYS B 105 -10.01 21.96 -13.37
C LYS B 105 -9.63 23.32 -13.91
N ARG B 106 -9.82 23.49 -15.22
CA ARG B 106 -9.35 24.66 -15.94
C ARG B 106 -9.87 24.56 -17.36
N THR B 107 -10.06 25.72 -17.99
CA THR B 107 -10.48 25.75 -19.38
C THR B 107 -9.42 25.08 -20.26
N VAL B 108 -9.88 24.40 -21.30
CA VAL B 108 -8.96 23.63 -22.15
C VAL B 108 -8.09 24.57 -22.96
N ALA B 109 -6.77 24.41 -22.84
CA ALA B 109 -5.78 25.26 -23.49
C ALA B 109 -4.82 24.41 -24.31
N ALA B 110 -4.62 24.77 -25.58
CA ALA B 110 -3.76 24.03 -26.50
C ALA B 110 -2.29 24.36 -26.24
N PRO B 111 -1.39 23.42 -26.53
CA PRO B 111 0.03 23.65 -26.24
C PRO B 111 0.72 24.47 -27.32
N SER B 112 1.62 25.36 -26.88
CA SER B 112 2.49 26.12 -27.77
C SER B 112 3.66 25.23 -28.16
N VAL B 113 3.53 24.54 -29.30
CA VAL B 113 4.51 23.52 -29.69
C VAL B 113 5.72 24.18 -30.35
N PHE B 114 6.91 23.71 -29.96
CA PHE B 114 8.19 24.18 -30.49
C PHE B 114 9.04 23.00 -30.92
N ILE B 115 9.90 23.23 -31.91
CA ILE B 115 10.78 22.20 -32.46
C ILE B 115 12.21 22.72 -32.42
N PHE B 116 13.14 21.87 -31.96
CA PHE B 116 14.52 22.28 -31.74
C PHE B 116 15.47 21.24 -32.32
N PRO B 117 16.28 21.59 -33.31
CA PRO B 117 17.19 20.63 -33.93
C PRO B 117 18.39 20.35 -33.04
N PRO B 118 19.19 19.33 -33.36
CA PRO B 118 20.35 18.99 -32.53
C PRO B 118 21.42 20.08 -32.54
N SER B 119 22.27 20.02 -31.53
CA SER B 119 23.31 21.02 -31.31
C SER B 119 24.51 20.79 -32.22
N ASP B 120 25.31 21.84 -32.40
CA ASP B 120 26.61 21.69 -33.06
C ASP B 120 27.53 20.80 -32.24
N GLU B 121 27.69 21.13 -30.95
CA GLU B 121 28.65 20.43 -30.09
C GLU B 121 28.29 18.97 -29.92
N GLN B 122 26.99 18.66 -29.74
CA GLN B 122 26.57 17.28 -29.57
C GLN B 122 26.84 16.46 -30.84
N LEU B 123 26.73 17.09 -32.01
CA LEU B 123 27.09 16.43 -33.26
C LEU B 123 28.59 16.25 -33.40
N LYS B 124 29.39 16.95 -32.59
CA LYS B 124 30.81 16.64 -32.48
C LYS B 124 31.05 15.40 -31.62
N SER B 125 30.18 15.14 -30.63
CA SER B 125 30.27 13.94 -29.82
C SER B 125 29.79 12.70 -30.55
N GLY B 126 29.07 12.86 -31.66
CA GLY B 126 28.61 11.75 -32.45
C GLY B 126 27.16 11.35 -32.28
N THR B 127 26.39 12.12 -31.53
CA THR B 127 24.99 11.80 -31.29
C THR B 127 24.15 13.07 -31.44
N ALA B 128 22.86 12.89 -31.72
CA ALA B 128 21.94 13.99 -31.95
C ALA B 128 20.64 13.77 -31.20
N SER B 129 20.09 14.84 -30.63
CA SER B 129 18.83 14.80 -29.91
C SER B 129 17.93 15.94 -30.37
N VAL B 130 16.69 15.62 -30.69
CA VAL B 130 15.72 16.60 -31.18
C VAL B 130 14.63 16.77 -30.13
N VAL B 131 14.36 18.02 -29.77
CA VAL B 131 13.48 18.37 -28.65
C VAL B 131 12.24 19.06 -29.18
N CYS B 132 11.06 18.58 -28.77
CA CYS B 132 9.78 19.16 -29.17
C CYS B 132 9.02 19.55 -27.91
N LEU B 133 8.98 20.84 -27.61
CA LEU B 133 8.31 21.34 -26.41
C LEU B 133 6.80 21.33 -26.58
N LEU B 134 6.09 21.22 -25.46
CA LEU B 134 4.64 21.42 -25.40
C LEU B 134 4.37 22.24 -24.15
N ASN B 135 4.20 23.54 -24.32
CA ASN B 135 4.18 24.46 -23.19
C ASN B 135 2.75 24.88 -22.85
N ASN B 136 2.37 24.67 -21.59
CA ASN B 136 1.18 25.28 -20.98
C ASN B 136 -0.13 24.84 -21.65
N PHE B 137 -0.41 23.55 -21.57
CA PHE B 137 -1.65 22.97 -22.07
C PHE B 137 -2.41 22.29 -20.94
N TYR B 138 -3.74 22.50 -20.88
CA TYR B 138 -4.46 21.95 -19.74
C TYR B 138 -4.73 20.44 -19.83
N PRO B 139 -5.46 19.94 -20.85
CA PRO B 139 -5.73 18.49 -20.86
C PRO B 139 -4.43 17.71 -21.00
N ARG B 140 -4.02 17.01 -19.93
CA ARG B 140 -2.65 16.50 -19.89
C ARG B 140 -2.40 15.47 -20.98
N GLU B 141 -3.36 14.60 -21.25
CA GLU B 141 -3.17 13.59 -22.29
C GLU B 141 -2.85 14.27 -23.61
N ALA B 142 -1.79 13.78 -24.27
CA ALA B 142 -1.35 14.35 -25.53
C ALA B 142 -0.65 13.27 -26.34
N LYS B 143 -0.61 13.47 -27.65
CA LYS B 143 0.16 12.66 -28.57
C LYS B 143 1.24 13.52 -29.20
N VAL B 144 2.45 13.01 -29.27
CA VAL B 144 3.52 13.60 -30.05
C VAL B 144 4.18 12.49 -30.86
N GLN B 145 4.16 12.62 -32.18
CA GLN B 145 4.60 11.55 -33.08
C GLN B 145 5.60 12.11 -34.06
N TRP B 146 6.87 11.77 -33.86
CA TRP B 146 7.93 12.21 -34.76
C TRP B 146 7.74 11.61 -36.14
N LYS B 147 8.24 12.31 -37.15
CA LYS B 147 8.12 11.89 -38.55
C LYS B 147 9.45 12.12 -39.24
N VAL B 148 10.16 11.06 -39.56
CA VAL B 148 11.39 11.13 -40.34
C VAL B 148 11.02 10.76 -41.76
N ASP B 149 11.13 11.74 -42.67
CA ASP B 149 10.79 11.55 -44.09
C ASP B 149 9.38 11.02 -44.25
N ASN B 150 8.46 11.57 -43.44
CA ASN B 150 7.04 11.21 -43.47
C ASN B 150 6.83 9.72 -43.21
N ALA B 151 7.64 9.16 -42.31
CA ALA B 151 7.44 7.82 -41.78
C ALA B 151 7.47 7.90 -40.26
N LEU B 152 6.57 7.17 -39.61
CA LEU B 152 6.39 7.29 -38.16
C LEU B 152 7.54 6.59 -37.42
N GLN B 153 7.99 7.23 -36.33
CA GLN B 153 9.06 6.73 -35.49
C GLN B 153 8.49 6.01 -34.29
N SER B 154 9.19 4.98 -33.82
CA SER B 154 8.79 4.24 -32.63
C SER B 154 10.01 3.94 -31.76
N GLY B 155 9.76 3.80 -30.45
CA GLY B 155 10.77 3.34 -29.52
C GLY B 155 12.04 4.17 -29.41
N ASN B 156 12.11 5.27 -30.14
CA ASN B 156 13.27 6.16 -30.12
C ASN B 156 12.95 7.51 -29.48
N SER B 157 11.85 7.59 -28.74
CA SER B 157 11.39 8.84 -28.14
C SER B 157 11.21 8.66 -26.63
N GLN B 158 11.55 9.70 -25.87
CA GLN B 158 11.39 9.73 -24.42
C GLN B 158 10.71 11.02 -23.99
N GLU B 159 9.65 10.88 -23.19
CA GLU B 159 8.86 12.01 -22.70
C GLU B 159 9.06 12.19 -21.20
N SER B 160 8.83 13.42 -20.75
CA SER B 160 8.75 13.71 -19.32
C SER B 160 7.90 14.97 -19.16
N VAL B 161 6.98 14.95 -18.20
CA VAL B 161 6.01 16.01 -18.01
C VAL B 161 6.12 16.55 -16.60
N THR B 162 5.98 17.87 -16.47
CA THR B 162 5.95 18.50 -15.16
C THR B 162 4.58 18.32 -14.49
N GLU B 163 4.58 18.39 -13.16
CA GLU B 163 3.33 18.44 -12.43
C GLU B 163 2.62 19.76 -12.73
N GLN B 164 1.31 19.75 -12.52
CA GLN B 164 0.49 20.92 -12.81
C GLN B 164 1.09 22.18 -12.21
N ASP B 165 1.43 23.14 -13.07
CA ASP B 165 2.04 24.37 -12.61
C ASP B 165 1.16 25.05 -11.57
N SER B 166 1.79 25.52 -10.49
CA SER B 166 1.03 26.18 -9.44
C SER B 166 0.32 27.42 -9.96
N LYS B 167 1.02 28.22 -10.76
CA LYS B 167 0.45 29.47 -11.24
C LYS B 167 -0.69 29.25 -12.23
N ASP B 168 -0.36 28.69 -13.41
CA ASP B 168 -1.28 28.68 -14.54
C ASP B 168 -2.05 27.38 -14.69
N SER B 169 -1.90 26.45 -13.76
CA SER B 169 -2.68 25.21 -13.73
C SER B 169 -2.58 24.43 -15.03
N THR B 170 -1.45 24.52 -15.71
CA THR B 170 -1.24 23.81 -16.96
C THR B 170 -0.12 22.80 -16.80
N TYR B 171 0.05 21.99 -17.83
CA TYR B 171 1.11 20.99 -17.87
C TYR B 171 2.08 21.36 -19.00
N SER B 172 3.26 20.75 -18.94
CA SER B 172 4.24 20.89 -20.00
C SER B 172 4.76 19.51 -20.36
N LEU B 173 5.24 19.37 -21.59
CA LEU B 173 5.77 18.10 -22.07
C LEU B 173 7.02 18.34 -22.90
N SER B 174 7.99 17.44 -22.73
CA SER B 174 9.16 17.38 -23.62
C SER B 174 9.25 15.97 -24.17
N SER B 175 9.62 15.86 -25.44
CA SER B 175 9.86 14.59 -26.10
C SER B 175 11.21 14.66 -26.79
N THR B 176 12.07 13.66 -26.55
CA THR B 176 13.43 13.66 -27.07
C THR B 176 13.60 12.52 -28.08
N LEU B 177 14.19 12.85 -29.22
CA LEU B 177 14.52 11.87 -30.26
C LEU B 177 16.01 11.59 -30.23
N THR B 178 16.37 10.31 -30.21
CA THR B 178 17.74 9.86 -30.12
C THR B 178 18.24 9.45 -31.50
N LEU B 179 19.35 10.05 -31.95
CA LEU B 179 19.89 9.79 -33.28
C LEU B 179 21.40 9.94 -33.29
N SER B 180 22.09 8.94 -33.85
CA SER B 180 23.51 9.02 -34.10
C SER B 180 23.79 9.81 -35.37
N LYS B 181 24.92 10.54 -35.39
CA LYS B 181 25.29 11.28 -36.59
C LYS B 181 25.49 10.36 -37.79
N ALA B 182 25.74 9.07 -37.55
CA ALA B 182 25.75 8.10 -38.64
C ALA B 182 24.35 7.95 -39.24
N ASP B 183 23.34 7.81 -38.38
CA ASP B 183 21.95 7.74 -38.79
C ASP B 183 21.31 9.11 -38.95
N TYR B 184 22.07 10.18 -38.68
CA TYR B 184 21.60 11.56 -38.80
C TYR B 184 21.91 12.17 -40.16
N GLU B 185 22.49 11.41 -41.08
CA GLU B 185 22.77 11.93 -42.41
C GLU B 185 21.72 11.54 -43.44
N LYS B 186 20.65 10.85 -43.03
CA LYS B 186 19.45 10.64 -43.83
C LYS B 186 18.34 11.41 -43.11
N HIS B 187 18.16 12.67 -43.47
CA HIS B 187 17.51 13.61 -42.56
C HIS B 187 16.73 14.66 -43.34
N LYS B 188 16.37 15.75 -42.66
CA LYS B 188 15.78 16.97 -43.17
C LYS B 188 14.31 16.84 -43.57
N VAL B 189 13.64 15.77 -43.13
CA VAL B 189 12.19 15.80 -42.90
C VAL B 189 12.01 15.32 -41.46
N TYR B 190 12.09 16.25 -40.51
CA TYR B 190 12.07 15.96 -39.08
C TYR B 190 10.97 16.80 -38.46
N ALA B 191 9.86 16.15 -38.14
CA ALA B 191 8.65 16.84 -37.73
C ALA B 191 8.12 16.24 -36.43
N CYS B 192 7.45 17.08 -35.65
CA CYS B 192 6.78 16.70 -34.43
C CYS B 192 5.30 17.00 -34.61
N GLU B 193 4.45 15.98 -34.48
CA GLU B 193 3.01 16.14 -34.69
C GLU B 193 2.28 15.90 -33.37
N VAL B 194 1.55 16.91 -32.92
CA VAL B 194 0.86 16.89 -31.63
C VAL B 194 -0.63 16.70 -31.88
N THR B 195 -1.18 15.61 -31.35
CA THR B 195 -2.61 15.38 -31.33
C THR B 195 -3.13 15.80 -29.96
N HIS B 196 -3.83 16.94 -29.90
CA HIS B 196 -4.26 17.49 -28.63
C HIS B 196 -5.69 18.02 -28.72
N GLN B 197 -6.37 18.01 -27.57
CA GLN B 197 -7.77 18.43 -27.52
C GLN B 197 -7.91 19.91 -27.86
N GLY B 198 -6.99 20.75 -27.39
CA GLY B 198 -7.07 22.17 -27.66
C GLY B 198 -6.94 22.55 -29.12
N LEU B 199 -6.48 21.61 -29.95
CA LEU B 199 -6.31 21.83 -31.39
C LEU B 199 -7.42 21.11 -32.14
N SER B 200 -8.08 21.83 -33.05
CA SER B 200 -9.11 21.19 -33.87
C SER B 200 -8.52 20.13 -34.78
N SER B 201 -7.31 20.33 -35.27
CA SER B 201 -6.58 19.35 -36.06
C SER B 201 -5.17 19.21 -35.52
N PRO B 202 -4.52 18.06 -35.74
CA PRO B 202 -3.12 17.91 -35.30
C PRO B 202 -2.18 18.94 -35.94
N VAL B 203 -1.24 19.43 -35.13
CA VAL B 203 -0.33 20.52 -35.51
C VAL B 203 1.08 19.95 -35.67
N THR B 204 1.79 20.40 -36.69
CA THR B 204 3.18 19.99 -36.92
C THR B 204 4.06 21.23 -37.04
N LYS B 205 5.22 21.19 -36.38
CA LYS B 205 6.22 22.25 -36.46
C LYS B 205 7.58 21.64 -36.79
N PRO C 1 -4.05 -13.68 45.57
CA PRO C 1 -2.69 -13.29 45.98
C PRO C 1 -2.39 -11.83 45.63
N THR C 2 -1.33 -11.60 44.86
CA THR C 2 -0.90 -10.24 44.54
C THR C 2 -0.70 -10.00 43.04
N ASN C 3 -0.31 -11.03 42.29
CA ASN C 3 0.06 -10.82 40.91
C ASN C 3 -1.13 -11.00 39.98
N LEU C 4 -1.12 -10.28 38.86
CA LEU C 4 -2.28 -10.13 38.00
C LEU C 4 -2.51 -11.38 37.15
N CYS C 5 -3.78 -11.78 37.03
CA CYS C 5 -4.12 -12.98 36.29
C CYS C 5 -3.77 -12.82 34.81
N PRO C 6 -3.16 -13.82 34.18
CA PRO C 6 -2.70 -13.71 32.80
C PRO C 6 -3.83 -13.92 31.78
N PHE C 7 -4.81 -13.02 31.80
CA PHE C 7 -5.88 -13.14 30.81
C PHE C 7 -5.42 -12.75 29.42
N GLY C 8 -4.37 -11.92 29.32
CA GLY C 8 -3.92 -11.48 28.01
C GLY C 8 -3.48 -12.64 27.13
N GLU C 9 -2.84 -13.65 27.71
CA GLU C 9 -2.38 -14.77 26.88
C GLU C 9 -3.55 -15.50 26.26
N VAL C 10 -4.67 -15.62 27.00
CA VAL C 10 -5.85 -16.25 26.43
C VAL C 10 -6.52 -15.33 25.42
N PHE C 11 -6.85 -14.11 25.85
CA PHE C 11 -7.71 -13.23 25.08
C PHE C 11 -7.00 -12.63 23.89
N ASN C 12 -5.68 -12.44 23.99
CA ASN C 12 -4.91 -11.84 22.93
C ASN C 12 -3.99 -12.84 22.27
N ALA C 13 -4.15 -14.13 22.57
CA ALA C 13 -3.40 -15.14 21.83
C ALA C 13 -3.63 -14.93 20.36
N THR C 14 -2.55 -15.05 19.60
CA THR C 14 -2.60 -14.62 18.22
C THR C 14 -3.42 -15.59 17.38
N ARG C 15 -3.35 -16.88 17.68
CA ARG C 15 -4.11 -17.87 16.94
C ARG C 15 -5.02 -18.66 17.88
N PHE C 16 -6.25 -18.92 17.44
CA PHE C 16 -7.22 -19.62 18.26
C PHE C 16 -7.43 -21.06 17.76
N ALA C 17 -7.70 -21.93 18.71
CA ALA C 17 -7.99 -23.32 18.39
C ALA C 17 -9.25 -23.43 17.54
N SER C 18 -9.31 -24.47 16.72
CA SER C 18 -10.60 -24.85 16.17
C SER C 18 -11.50 -25.33 17.29
N VAL C 19 -12.81 -25.10 17.12
CA VAL C 19 -13.76 -25.37 18.20
C VAL C 19 -13.73 -26.84 18.57
N TYR C 20 -13.58 -27.71 17.58
CA TYR C 20 -13.54 -29.14 17.91
C TYR C 20 -12.31 -29.46 18.74
N ALA C 21 -11.18 -28.84 18.44
CA ALA C 21 -9.98 -28.96 19.27
C ALA C 21 -9.84 -27.78 20.21
N TRP C 22 -10.89 -27.45 20.95
CA TRP C 22 -10.89 -26.23 21.74
C TRP C 22 -9.82 -26.29 22.82
N ASN C 23 -9.27 -25.13 23.12
CA ASN C 23 -8.19 -25.06 24.09
C ASN C 23 -8.70 -24.66 25.46
N ARG C 24 -7.95 -25.08 26.48
CA ARG C 24 -8.25 -24.75 27.86
C ARG C 24 -6.98 -24.28 28.56
N LYS C 25 -7.04 -23.11 29.18
CA LYS C 25 -5.93 -22.58 29.96
C LYS C 25 -6.35 -22.51 31.41
N ARG C 26 -5.51 -22.98 32.32
CA ARG C 26 -5.81 -22.93 33.75
C ARG C 26 -5.31 -21.62 34.33
N ILE C 27 -6.15 -20.95 35.11
CA ILE C 27 -5.81 -19.69 35.76
C ILE C 27 -5.72 -19.97 37.26
N SER C 28 -4.57 -19.67 37.86
CA SER C 28 -4.36 -19.96 39.28
C SER C 28 -3.62 -18.82 39.95
N ASN C 29 -3.69 -18.80 41.29
CA ASN C 29 -2.83 -18.00 42.17
C ASN C 29 -2.57 -16.61 41.61
N CYS C 30 -3.65 -15.86 41.43
CA CYS C 30 -3.54 -14.54 40.84
C CYS C 30 -4.78 -13.74 41.20
N VAL C 31 -4.75 -12.47 40.80
CA VAL C 31 -5.83 -11.53 41.10
C VAL C 31 -6.37 -11.02 39.77
N ALA C 32 -7.68 -10.96 39.66
CA ALA C 32 -8.34 -10.82 38.37
C ALA C 32 -9.38 -9.70 38.46
N ASP C 33 -9.05 -8.55 37.89
CA ASP C 33 -10.03 -7.47 37.80
C ASP C 33 -10.90 -7.75 36.58
N TYR C 34 -12.17 -8.02 36.83
CA TYR C 34 -13.05 -8.36 35.73
C TYR C 34 -13.66 -7.15 35.08
N SER C 35 -13.64 -6.02 35.78
CA SER C 35 -14.09 -4.78 35.15
C SER C 35 -13.14 -4.34 34.06
N VAL C 36 -11.83 -4.55 34.25
CA VAL C 36 -10.92 -4.29 33.15
C VAL C 36 -11.18 -5.26 32.02
N LEU C 37 -11.58 -6.51 32.34
CA LEU C 37 -11.81 -7.48 31.27
C LEU C 37 -12.95 -7.04 30.37
N TYR C 38 -14.08 -6.64 30.95
CA TYR C 38 -15.09 -5.90 30.21
C TYR C 38 -14.45 -4.87 29.27
N ASN C 39 -13.52 -4.09 29.82
CA ASN C 39 -13.02 -2.86 29.20
C ASN C 39 -11.82 -3.08 28.28
N SER C 40 -11.51 -4.33 27.92
CA SER C 40 -10.43 -4.54 26.96
C SER C 40 -10.81 -3.85 25.67
N ALA C 41 -11.85 -4.36 25.00
CA ALA C 41 -12.67 -3.58 24.07
C ALA C 41 -13.75 -4.45 23.47
N SER C 42 -14.89 -3.86 23.14
CA SER C 42 -15.71 -4.31 22.01
C SER C 42 -15.95 -5.82 21.99
N PHE C 43 -16.53 -6.33 23.07
CA PHE C 43 -16.97 -7.71 23.11
C PHE C 43 -18.42 -7.76 22.66
N SER C 44 -18.70 -8.46 21.57
CA SER C 44 -20.08 -8.51 21.12
C SER C 44 -20.96 -9.34 22.05
N THR C 45 -20.37 -10.26 22.82
CA THR C 45 -21.08 -11.09 23.77
C THR C 45 -20.27 -11.12 25.06
N PHE C 46 -20.92 -10.81 26.16
CA PHE C 46 -20.33 -10.99 27.48
C PHE C 46 -21.49 -11.42 28.38
N LYS C 47 -21.75 -12.71 28.46
CA LYS C 47 -22.89 -13.23 29.21
C LYS C 47 -22.40 -14.14 30.33
N CYS C 48 -23.02 -14.04 31.51
CA CYS C 48 -22.59 -14.81 32.67
C CYS C 48 -23.76 -15.60 33.26
N TYR C 49 -23.44 -16.72 33.91
CA TYR C 49 -24.44 -17.63 34.46
C TYR C 49 -24.01 -18.02 35.87
N GLY C 50 -24.96 -18.09 36.79
CA GLY C 50 -24.62 -18.46 38.14
C GLY C 50 -23.81 -17.44 38.94
N VAL C 51 -23.32 -16.37 38.31
CA VAL C 51 -22.59 -15.28 38.97
C VAL C 51 -22.98 -13.96 38.33
N SER C 52 -22.92 -12.92 39.10
CA SER C 52 -23.11 -11.57 38.62
C SER C 52 -21.75 -10.96 38.25
N PRO C 53 -21.60 -10.39 37.05
CA PRO C 53 -20.30 -9.78 36.71
C PRO C 53 -19.91 -8.66 37.66
N THR C 54 -20.88 -7.94 38.23
CA THR C 54 -20.61 -6.88 39.20
C THR C 54 -20.28 -7.43 40.56
N LYS C 55 -19.96 -8.71 40.65
CA LYS C 55 -19.68 -9.32 41.93
C LYS C 55 -18.42 -10.17 41.96
N LEU C 56 -17.90 -10.61 40.84
CA LEU C 56 -16.70 -11.44 40.96
C LEU C 56 -15.43 -10.63 40.98
N ASN C 57 -15.55 -9.30 41.01
CA ASN C 57 -14.54 -8.44 41.60
C ASN C 57 -14.41 -8.64 43.11
N ASP C 58 -15.36 -9.31 43.75
CA ASP C 58 -15.35 -9.51 45.20
C ASP C 58 -15.23 -10.96 45.61
N LEU C 59 -14.98 -11.87 44.67
CA LEU C 59 -15.08 -13.31 44.89
C LEU C 59 -13.74 -14.00 44.67
N CYS C 60 -13.55 -15.11 45.35
CA CYS C 60 -12.40 -15.98 45.12
C CYS C 60 -12.88 -17.36 44.68
N PHE C 61 -12.06 -18.03 43.86
CA PHE C 61 -12.38 -19.37 43.40
C PHE C 61 -11.15 -20.27 43.53
N THR C 62 -11.41 -21.57 43.69
CA THR C 62 -10.33 -22.54 43.75
C THR C 62 -9.49 -22.50 42.48
N ASN C 63 -10.13 -22.57 41.32
CA ASN C 63 -9.45 -22.44 40.04
C ASN C 63 -10.40 -21.82 39.03
N VAL C 64 -9.81 -21.22 38.00
CA VAL C 64 -10.57 -20.60 36.91
C VAL C 64 -10.04 -21.14 35.60
N TYR C 65 -10.91 -21.73 34.78
CA TYR C 65 -10.49 -22.19 33.47
C TYR C 65 -10.98 -21.23 32.41
N ALA C 66 -10.22 -21.16 31.32
CA ALA C 66 -10.49 -20.26 30.20
C ALA C 66 -10.37 -21.08 28.93
N ASP C 67 -11.50 -21.34 28.31
CA ASP C 67 -11.54 -22.12 27.09
C ASP C 67 -11.74 -21.18 25.91
N SER C 68 -10.97 -21.39 24.84
CA SER C 68 -11.05 -20.51 23.68
C SER C 68 -11.13 -21.34 22.41
N PHE C 69 -11.73 -20.74 21.39
CA PHE C 69 -11.93 -21.39 20.10
C PHE C 69 -12.62 -20.40 19.17
N VAL C 70 -12.81 -20.79 17.90
CA VAL C 70 -13.40 -19.94 16.87
C VAL C 70 -14.64 -20.62 16.29
N ILE C 71 -15.71 -19.84 16.10
CA ILE C 71 -16.93 -20.36 15.50
C ILE C 71 -17.59 -19.28 14.65
N ARG C 72 -18.69 -19.62 14.03
CA ARG C 72 -19.50 -18.67 13.31
C ARG C 72 -20.26 -17.76 14.27
N GLY C 73 -20.55 -16.55 13.81
CA GLY C 73 -21.34 -15.64 14.63
C GLY C 73 -22.66 -16.26 15.02
N ASP C 74 -23.37 -16.85 14.08
CA ASP C 74 -24.72 -17.28 14.44
C ASP C 74 -24.70 -18.56 15.30
N GLU C 75 -23.52 -19.04 15.69
CA GLU C 75 -23.41 -20.13 16.65
C GLU C 75 -23.03 -19.69 18.05
N VAL C 76 -22.63 -18.43 18.26
CA VAL C 76 -22.24 -18.00 19.60
C VAL C 76 -23.35 -18.29 20.61
N ARG C 77 -24.61 -18.11 20.19
CA ARG C 77 -25.74 -18.45 21.06
C ARG C 77 -25.70 -19.89 21.54
N GLN C 78 -25.04 -20.80 20.82
CA GLN C 78 -24.96 -22.16 21.34
C GLN C 78 -24.01 -22.29 22.54
N ILE C 79 -23.24 -21.28 22.89
CA ILE C 79 -22.31 -21.38 24.03
C ILE C 79 -23.07 -20.86 25.23
N ALA C 80 -23.96 -21.70 25.74
CA ALA C 80 -24.75 -21.42 26.93
C ALA C 80 -25.28 -22.74 27.45
N PRO C 81 -25.63 -22.81 28.72
CA PRO C 81 -26.29 -24.02 29.20
C PRO C 81 -27.59 -24.23 28.43
N GLY C 82 -27.98 -25.49 28.27
CA GLY C 82 -29.28 -25.81 27.69
C GLY C 82 -29.42 -25.64 26.18
N GLN C 83 -28.34 -25.36 25.43
CA GLN C 83 -28.44 -25.19 23.98
C GLN C 83 -28.21 -26.52 23.23
N THR C 84 -28.74 -26.58 22.00
CA THR C 84 -28.47 -27.72 21.11
C THR C 84 -28.04 -27.23 19.74
N GLY C 85 -27.49 -28.13 18.93
CA GLY C 85 -26.96 -27.82 17.62
C GLY C 85 -25.55 -28.37 17.44
N LYS C 86 -24.97 -28.11 16.26
CA LYS C 86 -23.71 -28.78 15.92
C LYS C 86 -22.63 -28.50 16.96
N ILE C 87 -22.47 -27.22 17.33
CA ILE C 87 -21.43 -26.86 18.30
C ILE C 87 -21.76 -27.42 19.67
N ALA C 88 -22.98 -27.22 20.14
CA ALA C 88 -23.27 -27.69 21.50
C ALA C 88 -23.24 -29.22 21.56
N ASP C 89 -23.78 -29.90 20.55
CA ASP C 89 -23.84 -31.35 20.62
C ASP C 89 -22.47 -31.98 20.40
N TYR C 90 -21.74 -31.54 19.37
CA TYR C 90 -20.63 -32.33 18.84
C TYR C 90 -19.26 -31.72 19.04
N ASN C 91 -19.15 -30.50 19.59
CA ASN C 91 -17.84 -29.84 19.67
C ASN C 91 -17.52 -29.27 21.05
N TYR C 92 -18.51 -28.72 21.75
CA TYR C 92 -18.26 -28.02 22.99
C TYR C 92 -19.58 -27.83 23.72
N LYS C 93 -19.65 -28.31 24.96
CA LYS C 93 -20.91 -28.39 25.67
C LYS C 93 -20.75 -27.85 27.07
N LEU C 94 -21.60 -26.81 27.45
CA LEU C 94 -21.64 -26.35 28.83
C LEU C 94 -22.69 -27.12 29.60
N PRO C 95 -22.45 -27.35 30.89
CA PRO C 95 -23.48 -27.99 31.73
C PRO C 95 -24.64 -27.04 32.02
N ASP C 96 -25.73 -27.60 32.53
CA ASP C 96 -26.73 -26.71 33.13
C ASP C 96 -26.24 -26.13 34.44
N ASP C 97 -25.23 -26.75 35.04
CA ASP C 97 -24.52 -26.27 36.21
C ASP C 97 -23.79 -24.94 36.01
N PHE C 98 -23.56 -24.53 34.76
CA PHE C 98 -22.49 -23.59 34.44
C PHE C 98 -22.52 -22.35 35.33
N THR C 99 -21.41 -22.12 36.01
CA THR C 99 -21.20 -20.84 36.70
C THR C 99 -19.93 -20.29 36.08
N GLY C 100 -20.12 -19.33 35.17
CA GLY C 100 -19.01 -18.72 34.48
C GLY C 100 -19.53 -17.71 33.49
N CYS C 101 -18.66 -17.31 32.56
CA CYS C 101 -18.98 -16.25 31.64
C CYS C 101 -18.55 -16.65 30.23
N VAL C 102 -19.35 -16.28 29.25
CA VAL C 102 -19.05 -16.53 27.86
C VAL C 102 -18.84 -15.17 27.23
N ILE C 103 -17.67 -15.01 26.60
CA ILE C 103 -17.17 -13.77 26.05
C ILE C 103 -16.83 -14.06 24.60
N ALA C 104 -17.33 -13.24 23.68
CA ALA C 104 -17.01 -13.49 22.28
C ALA C 104 -16.93 -12.18 21.52
N TRP C 105 -16.27 -12.25 20.36
CA TRP C 105 -16.14 -11.04 19.56
C TRP C 105 -15.87 -11.41 18.12
N ASN C 106 -16.22 -10.50 17.23
CA ASN C 106 -16.02 -10.76 15.82
C ASN C 106 -14.53 -10.71 15.51
N SER C 107 -14.04 -11.70 14.77
CA SER C 107 -12.63 -11.79 14.41
C SER C 107 -12.48 -11.92 12.91
N ASN C 108 -13.40 -11.32 12.15
CA ASN C 108 -13.27 -11.26 10.71
C ASN C 108 -11.91 -10.74 10.29
N ASN C 109 -11.46 -9.68 10.94
CA ASN C 109 -10.25 -8.98 10.54
C ASN C 109 -8.99 -9.79 10.81
N LEU C 110 -9.07 -10.88 11.59
CA LEU C 110 -7.92 -11.75 11.81
C LEU C 110 -8.10 -13.17 11.26
N ASP C 111 -9.33 -13.63 11.01
CA ASP C 111 -9.50 -15.04 10.66
C ASP C 111 -10.13 -15.27 9.29
N SER C 112 -10.52 -14.22 8.58
CA SER C 112 -11.08 -14.39 7.26
C SER C 112 -10.00 -14.24 6.20
N LYS C 113 -10.32 -14.67 4.99
CA LYS C 113 -9.40 -14.57 3.86
C LYS C 113 -10.25 -14.25 2.63
N VAL C 114 -9.63 -13.66 1.61
CA VAL C 114 -10.44 -13.22 0.48
C VAL C 114 -11.04 -14.42 -0.26
N GLY C 115 -10.27 -15.47 -0.51
CA GLY C 115 -11.03 -16.58 -1.08
C GLY C 115 -11.67 -17.51 -0.06
N GLY C 116 -11.75 -17.10 1.20
CA GLY C 116 -12.13 -17.98 2.29
C GLY C 116 -10.96 -18.66 2.99
N ASN C 117 -11.00 -18.71 4.31
CA ASN C 117 -9.99 -19.43 5.09
C ASN C 117 -10.64 -20.70 5.57
N TYR C 118 -10.05 -21.83 5.20
CA TYR C 118 -10.59 -23.16 5.45
C TYR C 118 -9.86 -23.86 6.57
N ASN C 119 -8.98 -23.16 7.28
CA ASN C 119 -8.22 -23.80 8.34
C ASN C 119 -8.98 -23.99 9.66
N TYR C 120 -10.06 -23.24 9.94
CA TYR C 120 -10.85 -23.54 11.14
C TYR C 120 -11.90 -24.60 10.82
N LEU C 121 -11.95 -25.65 11.65
CA LEU C 121 -12.85 -26.78 11.41
C LEU C 121 -13.81 -26.97 12.58
N TYR C 122 -14.91 -27.65 12.30
CA TYR C 122 -15.84 -28.10 13.33
C TYR C 122 -16.22 -29.55 13.05
N ARG C 123 -16.63 -30.25 14.09
CA ARG C 123 -17.09 -31.62 13.92
C ARG C 123 -18.55 -31.60 13.50
N LEU C 124 -18.86 -32.23 12.38
CA LEU C 124 -20.22 -32.21 11.86
C LEU C 124 -21.01 -33.46 12.22
N PHE C 125 -20.31 -34.57 12.50
CA PHE C 125 -20.97 -35.85 12.75
C PHE C 125 -20.35 -36.49 13.97
N ARG C 126 -21.20 -37.22 14.69
CA ARG C 126 -20.83 -37.88 15.92
C ARG C 126 -22.00 -38.79 16.28
N LYS C 127 -21.68 -39.90 16.92
CA LYS C 127 -22.71 -40.88 17.23
C LYS C 127 -23.52 -40.50 18.47
N SER C 128 -23.04 -39.55 19.28
CA SER C 128 -23.80 -39.06 20.42
C SER C 128 -23.30 -37.68 20.82
N ASN C 129 -24.14 -36.96 21.56
CA ASN C 129 -23.80 -35.62 22.02
C ASN C 129 -22.61 -35.65 22.97
N LEU C 130 -21.79 -34.59 22.89
CA LEU C 130 -20.72 -34.38 23.86
C LEU C 130 -21.30 -34.16 25.26
N LYS C 131 -20.60 -34.70 26.26
CA LYS C 131 -20.85 -34.36 27.66
C LYS C 131 -20.27 -32.98 27.98
N PRO C 132 -20.72 -32.35 29.08
CA PRO C 132 -20.17 -31.04 29.43
C PRO C 132 -18.65 -31.06 29.50
N PHE C 133 -18.04 -30.09 28.85
CA PHE C 133 -16.59 -29.91 28.85
C PHE C 133 -15.83 -31.10 28.25
N GLU C 134 -16.51 -32.07 27.65
CA GLU C 134 -15.80 -33.15 26.95
C GLU C 134 -15.14 -32.62 25.68
N ARG C 135 -14.01 -33.22 25.31
CA ARG C 135 -13.33 -32.84 24.08
C ARG C 135 -13.08 -34.06 23.21
N ASP C 136 -13.39 -33.93 21.93
CA ASP C 136 -13.25 -35.02 20.96
C ASP C 136 -12.37 -34.49 19.83
N ILE C 137 -11.19 -35.08 19.65
CA ILE C 137 -10.34 -34.73 18.53
C ILE C 137 -10.17 -35.90 17.58
N SER C 138 -11.00 -36.93 17.70
CA SER C 138 -10.88 -38.12 16.89
C SER C 138 -11.35 -37.85 15.45
N THR C 139 -10.76 -38.58 14.50
CA THR C 139 -11.11 -38.44 13.10
C THR C 139 -11.39 -39.78 12.48
N GLU C 140 -12.18 -40.61 13.17
CA GLU C 140 -12.67 -41.81 12.54
C GLU C 140 -13.67 -41.45 11.46
N ILE C 141 -13.63 -42.19 10.34
CA ILE C 141 -14.65 -41.98 9.32
C ILE C 141 -16.01 -42.38 9.90
N TYR C 142 -17.02 -41.56 9.61
CA TYR C 142 -18.32 -41.64 10.27
C TYR C 142 -19.30 -42.47 9.45
N GLN C 143 -19.76 -43.56 10.04
CA GLN C 143 -20.62 -44.54 9.37
C GLN C 143 -22.07 -44.10 9.53
N ALA C 144 -22.57 -43.34 8.54
CA ALA C 144 -23.93 -42.82 8.59
C ALA C 144 -24.97 -43.83 8.14
N GLY C 145 -24.54 -44.96 7.59
CA GLY C 145 -25.43 -46.01 7.16
C GLY C 145 -25.03 -47.34 7.77
N SER C 146 -25.42 -48.42 7.09
CA SER C 146 -25.23 -49.76 7.62
C SER C 146 -23.97 -50.44 7.11
N THR C 147 -23.15 -49.78 6.29
CA THR C 147 -21.99 -50.42 5.68
C THR C 147 -20.72 -50.02 6.40
N PRO C 148 -19.95 -50.97 6.95
CA PRO C 148 -18.69 -50.63 7.63
C PRO C 148 -17.73 -49.93 6.68
N CYS C 149 -17.34 -48.71 7.05
CA CYS C 149 -16.51 -47.90 6.18
C CYS C 149 -15.10 -48.45 6.08
N ASN C 150 -14.61 -49.08 7.15
CA ASN C 150 -13.24 -49.57 7.18
C ASN C 150 -12.23 -48.48 6.83
N GLY C 151 -12.47 -47.27 7.35
CA GLY C 151 -11.51 -46.19 7.25
C GLY C 151 -11.44 -45.50 5.91
N VAL C 152 -12.37 -45.77 5.00
CA VAL C 152 -12.36 -45.15 3.67
C VAL C 152 -13.68 -44.40 3.47
N GLU C 153 -13.57 -43.20 2.90
CA GLU C 153 -14.75 -42.37 2.70
C GLU C 153 -15.60 -42.91 1.55
N GLY C 154 -16.88 -43.16 1.82
CA GLY C 154 -17.84 -43.65 0.85
C GLY C 154 -19.10 -42.83 0.87
N PHE C 155 -20.22 -43.32 0.31
CA PHE C 155 -21.40 -42.46 0.24
C PHE C 155 -21.98 -42.20 1.62
N ASN C 156 -22.12 -43.23 2.44
CA ASN C 156 -22.53 -43.04 3.82
C ASN C 156 -21.35 -43.05 4.78
N CYS C 157 -20.17 -42.65 4.30
CA CYS C 157 -18.93 -42.73 5.07
C CYS C 157 -18.22 -41.40 4.91
N TYR C 158 -18.34 -40.55 5.94
CA TYR C 158 -17.89 -39.17 5.86
C TYR C 158 -16.77 -38.92 6.85
N PHE C 159 -15.81 -38.14 6.43
CA PHE C 159 -14.82 -37.63 7.38
C PHE C 159 -15.52 -36.68 8.36
N PRO C 160 -15.29 -36.81 9.67
CA PRO C 160 -16.19 -36.17 10.63
C PRO C 160 -16.02 -34.66 10.77
N LEU C 161 -14.93 -34.07 10.29
CA LEU C 161 -14.66 -32.65 10.45
C LEU C 161 -14.94 -31.90 9.16
N GLN C 162 -15.56 -30.73 9.28
CA GLN C 162 -16.00 -29.90 8.17
C GLN C 162 -15.45 -28.51 8.38
N SER C 163 -15.29 -27.80 7.29
CA SER C 163 -14.55 -26.56 7.28
C SER C 163 -15.52 -25.38 7.22
N TYR C 164 -15.32 -24.40 8.07
CA TYR C 164 -15.91 -23.10 7.83
C TYR C 164 -15.24 -22.50 6.60
N GLY C 165 -15.96 -21.66 5.87
CA GLY C 165 -15.20 -20.90 4.90
C GLY C 165 -15.25 -19.44 5.27
N PHE C 166 -14.27 -18.92 6.00
CA PHE C 166 -14.39 -17.56 6.51
C PHE C 166 -13.91 -16.63 5.41
N GLN C 167 -14.83 -15.87 4.83
CA GLN C 167 -14.49 -14.91 3.79
C GLN C 167 -15.19 -13.60 4.12
N PRO C 168 -14.57 -12.46 3.77
CA PRO C 168 -15.14 -11.18 4.19
C PRO C 168 -16.47 -10.86 3.53
N THR C 169 -16.90 -11.60 2.54
CA THR C 169 -18.20 -11.30 1.95
C THR C 169 -19.34 -11.86 2.78
N ASN C 170 -19.01 -12.55 3.88
CA ASN C 170 -19.97 -13.38 4.59
C ASN C 170 -21.00 -12.57 5.36
N GLY C 171 -20.60 -11.54 6.06
CA GLY C 171 -21.73 -11.03 6.85
C GLY C 171 -22.05 -11.88 8.07
N VAL C 172 -22.51 -11.21 9.14
CA VAL C 172 -21.98 -11.51 10.45
C VAL C 172 -22.34 -12.90 10.91
N GLY C 173 -23.50 -13.40 10.54
CA GLY C 173 -23.84 -14.76 10.95
C GLY C 173 -22.83 -15.81 10.54
N TYR C 174 -22.05 -15.55 9.49
CA TYR C 174 -21.07 -16.55 9.05
C TYR C 174 -19.63 -16.06 9.16
N GLN C 175 -19.40 -14.90 9.72
CA GLN C 175 -18.03 -14.51 9.98
C GLN C 175 -17.52 -15.21 11.23
N PRO C 176 -16.21 -15.32 11.40
CA PRO C 176 -15.69 -16.03 12.55
C PRO C 176 -15.79 -15.19 13.80
N TYR C 177 -16.05 -15.84 14.91
CA TYR C 177 -16.08 -15.20 16.21
C TYR C 177 -15.12 -15.93 17.11
N ARG C 178 -14.26 -15.18 17.79
CA ARG C 178 -13.43 -15.76 18.83
C ARG C 178 -14.22 -15.78 20.12
N VAL C 179 -14.20 -16.93 20.79
CA VAL C 179 -14.95 -17.13 22.03
C VAL C 179 -13.99 -17.50 23.13
N VAL C 180 -14.22 -16.95 24.31
CA VAL C 180 -13.49 -17.31 25.51
C VAL C 180 -14.55 -17.64 26.56
N VAL C 181 -14.42 -18.80 27.19
CA VAL C 181 -15.36 -19.25 28.21
C VAL C 181 -14.59 -19.35 29.52
N LEU C 182 -14.98 -18.57 30.51
CA LEU C 182 -14.38 -18.58 31.84
C LEU C 182 -15.23 -19.45 32.76
N SER C 183 -14.63 -20.47 33.33
CA SER C 183 -15.27 -21.27 34.37
C SER C 183 -14.74 -20.89 35.74
N PHE C 184 -15.63 -20.81 36.70
CA PHE C 184 -15.29 -20.47 38.08
C PHE C 184 -15.56 -21.69 38.93
N GLU C 185 -14.51 -22.28 39.50
CA GLU C 185 -14.58 -23.59 40.14
C GLU C 185 -14.38 -23.44 41.63
N LEU C 186 -15.44 -23.71 42.40
CA LEU C 186 -15.34 -23.80 43.87
C LEU C 186 -15.13 -25.26 44.22
N LEU C 187 -13.88 -25.69 44.27
CA LEU C 187 -13.55 -27.07 44.61
C LEU C 187 -13.11 -27.15 46.07
N HIS C 188 -13.12 -28.37 46.62
CA HIS C 188 -12.92 -28.55 48.06
C HIS C 188 -11.47 -28.22 48.42
N ALA C 189 -11.09 -26.95 48.35
CA ALA C 189 -9.69 -26.57 48.34
C ALA C 189 -9.58 -25.09 48.71
N PRO C 190 -8.36 -24.57 48.89
CA PRO C 190 -8.19 -23.12 49.01
C PRO C 190 -8.55 -22.40 47.72
N ALA C 191 -9.03 -21.17 47.88
CA ALA C 191 -9.20 -20.28 46.75
C ALA C 191 -7.85 -19.69 46.37
N THR C 192 -7.63 -19.52 45.06
CA THR C 192 -6.39 -18.91 44.58
C THR C 192 -6.59 -17.81 43.53
N VAL C 193 -7.77 -17.71 42.93
CA VAL C 193 -8.07 -16.66 41.96
C VAL C 193 -9.11 -15.75 42.60
N CYS C 194 -8.73 -14.49 42.83
CA CYS C 194 -9.58 -13.55 43.54
C CYS C 194 -9.77 -12.28 42.73
N GLY C 195 -10.85 -11.56 43.01
CA GLY C 195 -11.03 -10.24 42.48
C GLY C 195 -10.20 -9.26 43.28
N PRO C 196 -10.01 -8.05 42.75
CA PRO C 196 -9.17 -7.07 43.46
C PRO C 196 -9.75 -6.54 44.76
N HIS C 197 -11.05 -6.71 45.01
CA HIS C 197 -11.63 -6.18 46.24
C HIS C 197 -11.78 -7.26 47.31
N HIS C 198 -12.57 -8.29 47.02
CA HIS C 198 -12.87 -9.36 47.98
C HIS C 198 -13.19 -8.80 49.38
#